data_7ZPT
#
_entry.id   7ZPT
#
_cell.length_a   47.190
_cell.length_b   62.010
_cell.length_c   50.910
_cell.angle_alpha   90.000
_cell.angle_beta   112.980
_cell.angle_gamma   90.000
#
_symmetry.space_group_name_H-M   'P 1 21 1'
#
loop_
_entity.id
_entity.type
_entity.pdbx_description
1 polymer 'Cell shape-determining protein MreB'
2 non-polymer 'PENTAETHYLENE GLYCOL'
3 water water
#
_entity_poly.entity_id   1
_entity_poly.type   'polypeptide(L)'
_entity_poly.pdbx_seq_one_letter_code
;MFGIGTKDLGIDLGTANTLVYVKGKGIVLREPSVVAIQRDTKQIVAVGNEAKNMIGRTPGNIVALRPMKDGVIADYETTA
TMMKYYIRKAIKTKGLFAGKPYVMVCVPYGITAVEERAVIDATRQAGARDAYTIEEPFAAAIGANLPVWEPTGSMVVDIG
GGTTEVAVISLGGIVTSQSIRIAGDEMDEAIIQYIRKSYNLMIGERTAEAIKMEIGSAGNPEGIGNMEIRGRDLLTGLPK
TIEISAEEVAEALRDTVYAIVESVKNTLEKTPPELAADIMDRGIVLTGGGALLRNLDKVISQETDMPVIVAENPLDCVAI
GTGKALDHIDLFKNKARDHR
;
_entity_poly.pdbx_strand_id   M
#
loop_
_chem_comp.id
_chem_comp.type
_chem_comp.name
_chem_comp.formula
1PE non-polymer 'PENTAETHYLENE GLYCOL' 'C10 H22 O6'
#
# COMPACT_ATOMS: atom_id res chain seq x y z
N ILE A 4 25.61 -10.70 14.93
CA ILE A 4 25.38 -9.34 14.44
C ILE A 4 25.88 -9.18 13.01
N GLY A 5 26.22 -10.30 12.36
CA GLY A 5 26.75 -10.26 11.00
C GLY A 5 25.68 -10.29 9.92
N THR A 6 24.52 -10.87 10.22
CA THR A 6 23.43 -10.88 9.25
C THR A 6 22.63 -9.59 9.39
N LYS A 7 22.48 -8.86 8.29
CA LYS A 7 21.76 -7.60 8.33
C LYS A 7 20.28 -7.81 8.52
N ASP A 8 19.68 -7.03 9.43
CA ASP A 8 18.26 -7.09 9.66
C ASP A 8 17.50 -6.53 8.45
N LEU A 9 16.24 -6.95 8.33
CA LEU A 9 15.41 -6.70 7.15
C LEU A 9 14.10 -6.05 7.53
N GLY A 10 13.63 -5.14 6.69
CA GLY A 10 12.25 -4.69 6.69
C GLY A 10 11.62 -5.07 5.36
N ILE A 11 10.39 -5.61 5.44
CA ILE A 11 9.72 -6.11 4.25
C ILE A 11 8.34 -5.49 4.17
N ASP A 12 8.03 -4.87 3.05
CA ASP A 12 6.70 -4.38 2.72
C ASP A 12 6.16 -5.27 1.60
N LEU A 13 5.39 -6.29 1.97
CA LEU A 13 4.71 -7.18 1.02
C LEU A 13 3.44 -6.49 0.54
N GLY A 14 3.61 -5.62 -0.46
CA GLY A 14 2.51 -4.77 -0.89
C GLY A 14 1.54 -5.51 -1.78
N THR A 15 0.36 -4.90 -1.98
CA THR A 15 -0.64 -5.52 -2.84
C THR A 15 -0.10 -5.71 -4.26
N ALA A 16 0.69 -4.77 -4.75
CA ALA A 16 1.26 -4.86 -6.10
C ALA A 16 2.76 -5.13 -6.13
N ASN A 17 3.55 -4.45 -5.29
CA ASN A 17 4.99 -4.63 -5.32
C ASN A 17 5.52 -4.96 -3.93
N THR A 18 6.57 -5.78 -3.89
CA THR A 18 7.23 -6.12 -2.64
C THR A 18 8.57 -5.40 -2.61
N LEU A 19 8.85 -4.75 -1.50
CA LEU A 19 10.10 -4.03 -1.32
C LEU A 19 10.75 -4.55 -0.05
N VAL A 20 12.06 -4.79 -0.10
CA VAL A 20 12.81 -5.26 1.05
C VAL A 20 13.90 -4.24 1.35
N TYR A 21 13.95 -3.81 2.60
CA TYR A 21 14.93 -2.85 3.10
C TYR A 21 15.94 -3.62 3.95
N VAL A 22 17.22 -3.45 3.66
CA VAL A 22 18.28 -4.08 4.45
C VAL A 22 18.99 -3.02 5.27
N LYS A 23 19.13 -3.28 6.57
CA LYS A 23 19.80 -2.31 7.44
C LYS A 23 21.20 -2.03 6.93
N GLY A 24 21.54 -0.74 6.85
CA GLY A 24 22.82 -0.32 6.27
C GLY A 24 22.90 -0.34 4.75
N LYS A 25 21.89 -0.87 4.05
CA LYS A 25 21.94 -0.93 2.60
C LYS A 25 20.76 -0.29 1.88
N GLY A 26 19.62 -0.11 2.52
CA GLY A 26 18.49 0.53 1.88
C GLY A 26 17.62 -0.47 1.15
N ILE A 27 16.83 0.04 0.21
CA ILE A 27 15.99 -0.83 -0.60
C ILE A 27 16.89 -1.67 -1.51
N VAL A 28 16.93 -2.97 -1.29
CA VAL A 28 17.75 -3.85 -2.13
C VAL A 28 16.92 -4.71 -3.06
N LEU A 29 15.61 -4.84 -2.84
CA LEU A 29 14.77 -5.74 -3.62
C LEU A 29 13.47 -5.03 -3.97
N ARG A 30 13.11 -5.03 -5.27
CA ARG A 30 11.88 -4.39 -5.77
C ARG A 30 11.22 -5.36 -6.74
N GLU A 31 10.27 -6.15 -6.27
CA GLU A 31 9.73 -7.21 -7.10
C GLU A 31 8.21 -7.26 -7.01
N PRO A 32 7.53 -7.70 -8.06
CA PRO A 32 6.07 -7.83 -7.99
C PRO A 32 5.66 -8.83 -6.91
N SER A 33 4.55 -8.51 -6.24
CA SER A 33 3.97 -9.39 -5.22
C SER A 33 3.14 -10.47 -5.91
N VAL A 34 3.83 -11.32 -6.65
CA VAL A 34 3.16 -12.27 -7.51
C VAL A 34 3.70 -13.65 -7.21
N VAL A 35 2.84 -14.65 -7.36
CA VAL A 35 3.16 -16.04 -7.09
C VAL A 35 2.67 -16.85 -8.29
N ALA A 36 3.42 -17.88 -8.65
CA ALA A 36 3.02 -18.84 -9.69
C ALA A 36 2.74 -20.16 -8.98
N ILE A 37 1.53 -20.68 -9.14
CA ILE A 37 1.18 -21.95 -8.55
C ILE A 37 0.94 -22.98 -9.65
N GLN A 38 1.21 -24.24 -9.32
CA GLN A 38 0.88 -25.36 -10.20
C GLN A 38 -0.64 -25.51 -10.27
N ARG A 39 -1.17 -25.47 -11.50
CA ARG A 39 -2.61 -25.27 -11.70
C ARG A 39 -3.45 -26.35 -11.02
N ASP A 40 -2.91 -27.56 -10.85
CA ASP A 40 -3.67 -28.67 -10.27
C ASP A 40 -3.31 -28.96 -8.82
N THR A 41 -2.01 -28.99 -8.49
CA THR A 41 -1.60 -29.27 -7.11
C THR A 41 -1.60 -28.04 -6.22
N LYS A 42 -2.00 -26.88 -6.76
CA LYS A 42 -2.09 -25.59 -6.06
C LYS A 42 -0.81 -25.24 -5.30
N GLN A 43 0.33 -25.81 -5.68
CA GLN A 43 1.58 -25.56 -4.98
C GLN A 43 2.29 -24.36 -5.60
N ILE A 44 2.82 -23.48 -4.75
CA ILE A 44 3.60 -22.34 -5.22
C ILE A 44 4.91 -22.84 -5.76
N VAL A 45 5.21 -22.51 -7.02
CA VAL A 45 6.45 -22.94 -7.67
C VAL A 45 7.40 -21.79 -7.96
N ALA A 46 6.97 -20.54 -7.82
CA ALA A 46 7.87 -19.41 -7.99
C ALA A 46 7.27 -18.17 -7.35
N VAL A 47 8.14 -17.24 -6.97
CA VAL A 47 7.71 -16.01 -6.32
C VAL A 47 8.40 -14.83 -7.01
N GLY A 48 7.71 -13.69 -7.02
CA GLY A 48 8.36 -12.44 -7.39
C GLY A 48 8.87 -12.42 -8.82
N ASN A 49 10.10 -11.91 -8.99
CA ASN A 49 10.72 -11.88 -10.33
C ASN A 49 10.85 -13.28 -10.93
N GLU A 50 11.05 -14.30 -10.10
CA GLU A 50 11.10 -15.67 -10.61
C GLU A 50 9.74 -16.11 -11.12
N ALA A 51 8.66 -15.75 -10.42
CA ALA A 51 7.33 -16.03 -10.93
C ALA A 51 7.06 -15.25 -12.21
N LYS A 52 7.44 -13.98 -12.23
CA LYS A 52 7.31 -13.19 -13.45
C LYS A 52 8.05 -13.85 -14.63
N ASN A 53 9.28 -14.29 -14.40
CA ASN A 53 10.05 -14.91 -15.47
C ASN A 53 9.39 -16.21 -15.93
N MET A 54 8.87 -17.01 -14.99
CA MET A 54 8.25 -18.28 -15.36
C MET A 54 6.94 -18.05 -16.12
N ILE A 55 6.13 -17.10 -15.66
CA ILE A 55 4.91 -16.72 -16.38
C ILE A 55 5.24 -16.37 -17.82
N GLY A 56 6.30 -15.59 -18.03
CA GLY A 56 6.67 -15.17 -19.36
C GLY A 56 7.19 -16.29 -20.24
N ARG A 57 7.64 -17.40 -19.64
CA ARG A 57 8.04 -18.56 -20.42
C ARG A 57 6.88 -19.51 -20.70
N THR A 58 5.66 -19.17 -20.25
CA THR A 58 4.42 -19.93 -20.42
C THR A 58 4.68 -21.43 -20.46
N PRO A 59 5.02 -22.05 -19.33
CA PRO A 59 5.22 -23.50 -19.31
C PRO A 59 3.94 -24.30 -19.20
N GLY A 60 2.78 -23.64 -19.14
CA GLY A 60 1.53 -24.33 -18.93
C GLY A 60 1.46 -24.94 -17.54
N ASN A 61 0.26 -25.33 -17.11
CA ASN A 61 0.03 -25.94 -15.81
C ASN A 61 0.40 -24.97 -14.67
N ILE A 62 0.42 -23.67 -14.98
CA ILE A 62 0.77 -22.60 -14.04
C ILE A 62 -0.38 -21.59 -13.98
N VAL A 63 -0.62 -21.03 -12.79
CA VAL A 63 -1.59 -19.96 -12.61
C VAL A 63 -0.87 -18.83 -11.89
N ALA A 64 -1.13 -17.59 -12.32
CA ALA A 64 -0.46 -16.41 -11.81
C ALA A 64 -1.37 -15.67 -10.85
N LEU A 65 -0.89 -15.41 -9.63
CA LEU A 65 -1.73 -14.88 -8.58
C LEU A 65 -1.07 -13.72 -7.87
N ARG A 66 -1.92 -12.79 -7.40
CA ARG A 66 -1.54 -11.71 -6.51
C ARG A 66 -2.14 -12.01 -5.14
N PRO A 67 -1.39 -12.57 -4.19
CA PRO A 67 -1.97 -13.03 -2.94
C PRO A 67 -2.06 -11.98 -1.85
N MET A 68 -1.62 -10.75 -2.10
CA MET A 68 -1.66 -9.70 -1.09
C MET A 68 -2.88 -8.81 -1.33
N LYS A 69 -3.83 -8.85 -0.40
CA LYS A 69 -5.04 -8.03 -0.45
C LYS A 69 -5.24 -7.27 0.86
N ALA A 74 -2.67 -12.50 4.34
CA ALA A 74 -2.71 -13.69 3.50
C ALA A 74 -2.66 -14.94 4.38
N ASP A 75 -2.98 -16.10 3.80
CA ASP A 75 -2.97 -17.34 4.56
C ASP A 75 -1.54 -17.76 4.88
N TYR A 76 -1.42 -18.64 5.87
CA TYR A 76 -0.13 -18.91 6.51
C TYR A 76 0.91 -19.42 5.52
N GLU A 77 0.62 -20.53 4.85
CA GLU A 77 1.64 -21.14 3.99
C GLU A 77 2.09 -20.21 2.86
N THR A 78 1.19 -19.39 2.31
CA THR A 78 1.59 -18.48 1.24
C THR A 78 2.52 -17.39 1.74
N THR A 79 2.20 -16.81 2.91
CA THR A 79 3.08 -15.84 3.54
C THR A 79 4.46 -16.43 3.79
N ALA A 80 4.49 -17.62 4.40
CA ALA A 80 5.77 -18.26 4.72
C ALA A 80 6.58 -18.53 3.46
N THR A 81 5.92 -18.97 2.38
CA THR A 81 6.63 -19.27 1.14
C THR A 81 7.19 -18.02 0.49
N MET A 82 6.38 -16.95 0.46
CA MET A 82 6.82 -15.69 -0.12
C MET A 82 7.93 -15.07 0.72
N MET A 83 7.75 -15.04 2.04
CA MET A 83 8.78 -14.54 2.94
C MET A 83 10.09 -15.28 2.77
N LYS A 84 10.04 -16.61 2.64
CA LYS A 84 11.27 -17.38 2.48
C LYS A 84 12.04 -16.91 1.26
N TYR A 85 11.35 -16.71 0.13
CA TYR A 85 11.99 -16.23 -1.09
C TYR A 85 12.62 -14.86 -0.89
N TYR A 86 11.83 -13.89 -0.41
CA TYR A 86 12.32 -12.52 -0.30
C TYR A 86 13.46 -12.38 0.70
N ILE A 87 13.36 -13.05 1.85
CA ILE A 87 14.46 -13.00 2.83
C ILE A 87 15.73 -13.58 2.23
N ARG A 88 15.62 -14.75 1.61
CA ARG A 88 16.78 -15.42 1.02
C ARG A 88 17.39 -14.58 -0.08
N LYS A 89 16.57 -13.91 -0.89
CA LYS A 89 17.13 -13.17 -2.01
C LYS A 89 17.77 -11.87 -1.58
N ALA A 90 17.19 -11.20 -0.57
CA ALA A 90 17.70 -9.91 -0.12
C ALA A 90 19.03 -10.03 0.60
N ILE A 91 19.22 -11.11 1.35
CA ILE A 91 20.44 -11.33 2.13
C ILE A 91 21.51 -11.87 1.19
N LYS A 92 22.51 -11.04 0.90
CA LYS A 92 23.62 -11.53 0.06
C LYS A 92 24.65 -12.30 0.89
N THR A 93 24.90 -11.87 2.14
CA THR A 93 25.86 -12.54 3.00
C THR A 93 25.25 -12.79 4.38
N LYS A 94 25.69 -13.87 5.02
CA LYS A 94 25.22 -14.32 6.33
C LYS A 94 26.25 -14.01 7.40
N GLY A 95 25.79 -13.79 8.63
CA GLY A 95 26.68 -13.75 9.77
C GLY A 95 27.21 -15.14 10.10
N LEU A 96 28.44 -15.20 10.61
CA LEU A 96 29.05 -16.49 10.92
C LEU A 96 28.38 -17.16 12.11
N PHE A 97 28.08 -16.39 13.15
CA PHE A 97 27.55 -16.94 14.39
C PHE A 97 26.03 -16.85 14.50
N ALA A 98 25.39 -15.99 13.72
CA ALA A 98 23.93 -15.94 13.61
C ALA A 98 23.63 -15.63 12.15
N GLY A 99 23.27 -16.66 11.39
CA GLY A 99 23.06 -16.52 9.97
C GLY A 99 21.69 -16.07 9.54
N LYS A 100 20.85 -15.63 10.47
CA LYS A 100 19.49 -15.25 10.12
C LYS A 100 19.19 -13.84 10.61
N PRO A 101 18.36 -13.11 9.87
CA PRO A 101 18.05 -11.72 10.22
C PRO A 101 16.86 -11.61 11.18
N TYR A 102 16.85 -10.52 11.92
CA TYR A 102 15.62 -10.03 12.52
C TYR A 102 14.84 -9.33 11.41
N VAL A 103 13.54 -9.55 11.38
CA VAL A 103 12.72 -9.05 10.29
C VAL A 103 11.59 -8.22 10.85
N MET A 104 11.43 -7.02 10.31
CA MET A 104 10.27 -6.16 10.56
C MET A 104 9.31 -6.30 9.40
N VAL A 105 8.05 -6.63 9.69
CA VAL A 105 7.05 -6.92 8.67
C VAL A 105 5.96 -5.86 8.72
N CYS A 106 5.74 -5.18 7.60
CA CYS A 106 4.61 -4.27 7.49
C CYS A 106 3.31 -5.06 7.44
N VAL A 107 2.34 -4.68 8.27
CA VAL A 107 1.03 -5.35 8.31
C VAL A 107 -0.07 -4.30 8.17
N PRO A 108 -1.25 -4.66 7.64
CA PRO A 108 -2.32 -3.67 7.50
C PRO A 108 -2.80 -3.15 8.84
N TYR A 109 -3.28 -1.89 8.83
CA TYR A 109 -3.86 -1.31 10.03
C TYR A 109 -5.06 -2.14 10.49
N GLY A 110 -5.20 -2.26 11.81
CA GLY A 110 -6.29 -3.01 12.38
C GLY A 110 -6.08 -4.51 12.44
N ILE A 111 -4.90 -4.99 12.04
CA ILE A 111 -4.57 -6.40 12.24
C ILE A 111 -4.79 -6.75 13.70
N THR A 112 -5.36 -7.93 13.93
CA THR A 112 -5.69 -8.39 15.27
C THR A 112 -4.48 -9.12 15.86
N ALA A 113 -4.54 -9.36 17.18
CA ALA A 113 -3.44 -10.03 17.86
C ALA A 113 -3.18 -11.43 17.28
N VAL A 114 -4.23 -12.24 17.10
CA VAL A 114 -4.00 -13.59 16.60
C VAL A 114 -3.38 -13.55 15.21
N GLU A 115 -3.82 -12.60 14.38
CA GLU A 115 -3.30 -12.47 13.02
C GLU A 115 -1.83 -12.05 13.06
N GLU A 116 -1.49 -11.11 13.95
CA GLU A 116 -0.11 -10.67 14.07
C GLU A 116 0.81 -11.83 14.45
N ARG A 117 0.39 -12.65 15.42
CA ARG A 117 1.19 -13.81 15.80
C ARG A 117 1.34 -14.79 14.64
N ALA A 118 0.32 -14.90 13.79
CA ALA A 118 0.43 -15.78 12.63
C ALA A 118 1.44 -15.25 11.61
N VAL A 119 1.42 -13.95 11.34
CA VAL A 119 2.41 -13.37 10.43
C VAL A 119 3.81 -13.61 10.97
N ILE A 120 3.97 -13.36 12.27
CA ILE A 120 5.29 -13.51 12.89
C ILE A 120 5.75 -14.96 12.79
N ASP A 121 4.84 -15.90 13.06
CA ASP A 121 5.20 -17.32 12.98
C ASP A 121 5.61 -17.70 11.56
N ALA A 122 4.86 -17.23 10.57
CA ALA A 122 5.20 -17.52 9.18
C ALA A 122 6.56 -16.94 8.81
N THR A 123 6.88 -15.76 9.36
CA THR A 123 8.16 -15.14 9.03
C THR A 123 9.33 -15.87 9.66
N ARG A 124 9.16 -16.36 10.90
CA ARG A 124 10.25 -17.12 11.50
C ARG A 124 10.40 -18.46 10.80
N GLN A 125 9.29 -19.08 10.42
CA GLN A 125 9.35 -20.32 9.65
C GLN A 125 10.11 -20.12 8.35
N ALA A 126 9.96 -18.94 7.74
CA ALA A 126 10.66 -18.54 6.52
C ALA A 126 12.12 -18.24 6.74
N GLY A 127 12.64 -18.30 7.97
CA GLY A 127 14.06 -18.13 8.21
C GLY A 127 14.46 -16.88 8.95
N ALA A 128 13.51 -16.14 9.53
CA ALA A 128 13.86 -15.02 10.39
C ALA A 128 14.27 -15.55 11.76
N ARG A 129 15.32 -14.96 12.32
CA ARG A 129 15.69 -15.27 13.69
C ARG A 129 14.56 -14.93 14.65
N ASP A 130 13.96 -13.76 14.48
CA ASP A 130 12.70 -13.40 15.13
C ASP A 130 12.10 -12.32 14.26
N ALA A 131 10.82 -12.01 14.49
CA ALA A 131 10.11 -11.10 13.62
C ALA A 131 9.17 -10.20 14.42
N TYR A 132 8.95 -9.01 13.89
CA TYR A 132 8.12 -7.99 14.52
C TYR A 132 7.22 -7.42 13.44
N THR A 133 6.11 -6.79 13.85
CA THR A 133 5.20 -6.17 12.91
C THR A 133 5.09 -4.68 13.16
N ILE A 134 4.77 -3.95 12.08
CA ILE A 134 4.54 -2.51 12.14
C ILE A 134 3.35 -2.21 11.24
N GLU A 135 2.41 -1.44 11.77
CA GLU A 135 1.19 -1.08 11.06
C GLU A 135 1.52 -0.16 9.88
N GLU A 136 0.86 -0.41 8.76
CA GLU A 136 1.21 0.29 7.51
C GLU A 136 1.19 1.81 7.64
N PRO A 137 0.18 2.46 8.22
CA PRO A 137 0.25 3.93 8.30
C PRO A 137 1.38 4.41 9.19
N PHE A 138 1.76 3.65 10.22
CA PHE A 138 2.88 4.06 11.05
C PHE A 138 4.20 3.98 10.27
N ALA A 139 4.36 2.91 9.48
CA ALA A 139 5.53 2.81 8.61
C ALA A 139 5.53 3.94 7.59
N ALA A 140 4.36 4.27 7.03
CA ALA A 140 4.26 5.36 6.07
C ALA A 140 4.70 6.68 6.68
N ALA A 141 4.27 6.97 7.90
CA ALA A 141 4.65 8.22 8.57
C ALA A 141 6.15 8.25 8.84
N ILE A 142 6.73 7.12 9.27
CA ILE A 142 8.17 7.11 9.50
C ILE A 142 8.92 7.35 8.20
N GLY A 143 8.51 6.67 7.13
CA GLY A 143 9.21 6.80 5.87
C GLY A 143 8.99 8.14 5.20
N ALA A 144 7.89 8.82 5.50
CA ALA A 144 7.66 10.16 4.97
C ALA A 144 8.38 11.24 5.78
N ASN A 145 9.13 10.85 6.81
CA ASN A 145 9.93 11.75 7.64
C ASN A 145 9.07 12.63 8.54
N LEU A 146 7.89 12.16 8.93
CA LEU A 146 7.11 12.87 9.92
C LEU A 146 7.81 12.74 11.27
N PRO A 147 7.72 13.77 12.15
CA PRO A 147 8.35 13.68 13.48
C PRO A 147 7.58 12.77 14.43
N VAL A 148 7.53 11.47 14.12
CA VAL A 148 6.62 10.57 14.82
C VAL A 148 7.04 10.28 16.25
N TRP A 149 8.29 10.56 16.62
CA TRP A 149 8.76 10.25 17.96
C TRP A 149 8.59 11.42 18.94
N GLU A 150 8.23 12.60 18.44
CA GLU A 150 8.06 13.80 19.23
C GLU A 150 6.66 13.86 19.84
N PRO A 151 6.50 14.57 20.94
CA PRO A 151 5.17 14.75 21.54
C PRO A 151 4.31 15.81 20.86
N THR A 152 4.30 15.82 19.55
CA THR A 152 3.44 16.70 18.78
C THR A 152 2.73 15.87 17.72
N GLY A 153 1.52 16.28 17.35
CA GLY A 153 0.71 15.46 16.44
C GLY A 153 1.19 15.54 15.00
N SER A 154 1.20 14.36 14.35
CA SER A 154 1.51 14.18 12.94
C SER A 154 0.34 13.41 12.34
N MET A 155 0.03 13.65 11.06
CA MET A 155 -1.07 12.95 10.39
C MET A 155 -0.60 12.40 9.04
N VAL A 156 -0.90 11.14 8.80
CA VAL A 156 -0.59 10.55 7.50
C VAL A 156 -1.88 9.99 6.91
N VAL A 157 -1.96 9.99 5.58
CA VAL A 157 -3.06 9.38 4.87
C VAL A 157 -2.41 8.48 3.83
N ASP A 158 -2.51 7.17 4.01
CA ASP A 158 -1.87 6.22 3.10
C ASP A 158 -2.97 5.59 2.26
N ILE A 159 -2.96 5.89 0.96
CA ILE A 159 -3.97 5.44 0.02
C ILE A 159 -3.31 4.38 -0.85
N GLY A 160 -3.66 3.12 -0.59
CA GLY A 160 -3.08 2.01 -1.32
C GLY A 160 -4.00 1.50 -2.41
N GLY A 161 -4.04 0.18 -2.56
CA GLY A 161 -4.90 -0.44 -3.55
C GLY A 161 -6.27 -0.74 -3.00
N GLY A 162 -6.31 -1.50 -1.91
CA GLY A 162 -7.57 -1.89 -1.32
C GLY A 162 -8.03 -1.05 -0.14
N THR A 163 -7.13 -0.31 0.53
CA THR A 163 -7.55 0.47 1.69
C THR A 163 -6.87 1.84 1.73
N THR A 164 -7.58 2.78 2.36
CA THR A 164 -7.03 4.07 2.77
C THR A 164 -6.94 4.06 4.29
N GLU A 165 -5.76 4.33 4.83
CA GLU A 165 -5.56 4.36 6.27
C GLU A 165 -5.15 5.76 6.69
N VAL A 166 -5.84 6.29 7.70
CA VAL A 166 -5.58 7.63 8.21
C VAL A 166 -5.13 7.49 9.65
N ALA A 167 -4.01 8.12 10.01
CA ALA A 167 -3.55 7.95 11.37
C ALA A 167 -2.96 9.25 11.90
N VAL A 168 -3.24 9.53 13.17
CA VAL A 168 -2.59 10.62 13.89
C VAL A 168 -1.55 9.98 14.80
N ILE A 169 -0.30 10.42 14.68
CA ILE A 169 0.83 9.81 15.36
C ILE A 169 1.43 10.82 16.33
N SER A 170 1.91 10.32 17.47
CA SER A 170 2.63 11.13 18.42
C SER A 170 3.41 10.19 19.34
N LEU A 171 4.66 10.55 19.61
CA LEU A 171 5.46 9.87 20.62
C LEU A 171 5.60 8.37 20.32
N GLY A 172 5.85 8.04 19.06
CA GLY A 172 6.10 6.65 18.71
C GLY A 172 4.88 5.75 18.67
N GLY A 173 3.68 6.30 18.48
CA GLY A 173 2.50 5.46 18.43
C GLY A 173 1.33 6.16 17.77
N ILE A 174 0.36 5.35 17.36
CA ILE A 174 -0.85 5.86 16.73
C ILE A 174 -1.84 6.28 17.81
N VAL A 175 -2.24 7.54 17.79
CA VAL A 175 -3.19 8.06 18.78
C VAL A 175 -4.62 7.80 18.34
N THR A 176 -4.92 8.09 17.07
CA THR A 176 -6.25 7.79 16.55
C THR A 176 -6.11 7.47 15.07
N SER A 177 -7.09 6.77 14.53
CA SER A 177 -6.92 6.30 13.16
C SER A 177 -8.24 5.75 12.65
N GLN A 178 -8.33 5.65 11.33
CA GLN A 178 -9.48 5.09 10.65
C GLN A 178 -8.98 4.42 9.39
N SER A 179 -9.67 3.36 9.00
CA SER A 179 -9.33 2.69 7.76
C SER A 179 -10.61 2.44 7.00
N ILE A 180 -10.57 2.66 5.68
CA ILE A 180 -11.71 2.38 4.82
C ILE A 180 -11.22 1.56 3.65
N ARG A 181 -12.10 0.69 3.16
CA ARG A 181 -11.78 -0.15 2.02
C ARG A 181 -12.07 0.58 0.71
N ILE A 182 -11.58 1.81 0.62
CA ILE A 182 -11.84 2.68 -0.51
C ILE A 182 -10.51 3.31 -0.91
N ALA A 183 -9.94 2.85 -2.02
CA ALA A 183 -8.63 3.33 -2.46
C ALA A 183 -8.47 3.21 -3.98
N GLY A 184 -7.26 2.87 -4.43
CA GLY A 184 -6.99 2.85 -5.86
C GLY A 184 -7.89 1.89 -6.64
N ASP A 185 -8.10 0.69 -6.08
CA ASP A 185 -8.96 -0.27 -6.77
C ASP A 185 -10.37 0.28 -6.96
N GLU A 186 -10.88 0.98 -5.94
CA GLU A 186 -12.23 1.51 -6.02
C GLU A 186 -12.32 2.69 -6.97
N MET A 187 -11.24 3.48 -7.13
CA MET A 187 -11.27 4.49 -8.18
C MET A 187 -11.41 3.84 -9.54
N ASP A 188 -10.65 2.77 -9.78
CA ASP A 188 -10.79 2.04 -11.05
C ASP A 188 -12.22 1.59 -11.28
N GLU A 189 -12.82 0.96 -10.27
CA GLU A 189 -14.18 0.45 -10.40
C GLU A 189 -15.19 1.56 -10.65
N ALA A 190 -15.02 2.71 -9.99
CA ALA A 190 -15.91 3.83 -10.24
C ALA A 190 -15.82 4.27 -11.70
N ILE A 191 -14.61 4.21 -12.27
CA ILE A 191 -14.44 4.61 -13.66
C ILE A 191 -15.15 3.61 -14.58
N ILE A 192 -14.98 2.33 -14.30
CA ILE A 192 -15.64 1.27 -15.06
C ILE A 192 -17.15 1.47 -15.04
N GLN A 193 -17.70 1.73 -13.86
CA GLN A 193 -19.15 1.81 -13.73
C GLN A 193 -19.68 3.09 -14.35
N TYR A 194 -18.92 4.19 -14.26
CA TYR A 194 -19.36 5.42 -14.93
C TYR A 194 -19.41 5.23 -16.44
N ILE A 195 -18.42 4.55 -17.00
CA ILE A 195 -18.39 4.39 -18.46
C ILE A 195 -19.49 3.43 -18.90
N ARG A 196 -19.77 2.41 -18.10
CA ARG A 196 -20.86 1.52 -18.43
C ARG A 196 -22.18 2.24 -18.45
N LYS A 197 -22.42 3.06 -17.43
CA LYS A 197 -23.71 3.74 -17.30
C LYS A 197 -23.85 4.83 -18.36
N SER A 198 -22.77 5.56 -18.64
CA SER A 198 -22.86 6.74 -19.49
C SER A 198 -22.75 6.40 -20.98
N TYR A 199 -22.02 5.36 -21.33
CA TYR A 199 -21.76 5.04 -22.73
C TYR A 199 -22.18 3.63 -23.12
N ASN A 200 -22.74 2.86 -22.19
CA ASN A 200 -23.11 1.47 -22.47
C ASN A 200 -21.89 0.68 -22.97
N LEU A 201 -20.73 0.96 -22.38
CA LEU A 201 -19.46 0.40 -22.78
C LEU A 201 -18.82 -0.29 -21.57
N MET A 202 -18.35 -1.51 -21.79
CA MET A 202 -17.70 -2.31 -20.76
C MET A 202 -16.19 -2.26 -20.98
N ILE A 203 -15.45 -1.62 -20.08
CA ILE A 203 -13.99 -1.62 -20.20
C ILE A 203 -13.42 -2.60 -19.19
N GLY A 204 -12.16 -2.99 -19.41
CA GLY A 204 -11.45 -3.88 -18.49
C GLY A 204 -10.60 -3.11 -17.47
N GLU A 205 -9.92 -3.88 -16.61
CA GLU A 205 -9.13 -3.28 -15.53
C GLU A 205 -7.93 -2.49 -16.03
N ARG A 206 -7.25 -2.99 -17.07
CA ARG A 206 -6.09 -2.30 -17.63
C ARG A 206 -6.46 -0.92 -18.11
N THR A 207 -7.56 -0.82 -18.86
CA THR A 207 -8.02 0.46 -19.39
C THR A 207 -8.45 1.40 -18.28
N ALA A 208 -9.14 0.89 -17.26
CA ALA A 208 -9.58 1.72 -16.14
C ALA A 208 -8.38 2.33 -15.41
N GLU A 209 -7.39 1.50 -15.11
CA GLU A 209 -6.16 2.00 -14.49
C GLU A 209 -5.46 3.03 -15.36
N ALA A 210 -5.41 2.76 -16.67
CA ALA A 210 -4.75 3.69 -17.59
C ALA A 210 -5.47 5.03 -17.61
N ILE A 211 -6.82 5.01 -17.60
CA ILE A 211 -7.61 6.24 -17.53
C ILE A 211 -7.26 7.00 -16.27
N LYS A 212 -7.30 6.32 -15.12
CA LYS A 212 -6.99 6.98 -13.86
C LYS A 212 -5.60 7.59 -13.90
N MET A 213 -4.62 6.86 -14.42
CA MET A 213 -3.25 7.34 -14.41
C MET A 213 -3.07 8.50 -15.39
N GLU A 214 -3.71 8.43 -16.56
CA GLU A 214 -3.44 9.39 -17.62
C GLU A 214 -4.26 10.68 -17.49
N ILE A 215 -5.53 10.61 -17.08
CA ILE A 215 -6.37 11.81 -17.04
C ILE A 215 -7.17 11.89 -15.75
N GLY A 216 -6.86 11.01 -14.80
CA GLY A 216 -7.59 11.00 -13.56
C GLY A 216 -7.21 12.16 -12.65
N SER A 217 -8.19 12.61 -11.88
CA SER A 217 -7.99 13.67 -10.91
C SER A 217 -9.14 13.65 -9.91
N ALA A 218 -8.93 14.35 -8.79
CA ALA A 218 -9.89 14.48 -7.71
C ALA A 218 -10.81 15.67 -7.88
N GLY A 219 -10.53 16.52 -8.86
CA GLY A 219 -11.25 17.76 -9.05
C GLY A 219 -10.38 18.75 -9.78
N ASN A 220 -11.02 19.83 -10.24
CA ASN A 220 -10.39 20.85 -11.07
C ASN A 220 -9.56 20.24 -12.19
N PRO A 221 -10.21 19.56 -13.15
CA PRO A 221 -9.46 18.84 -14.19
C PRO A 221 -9.13 19.66 -15.43
N GLU A 222 -9.11 20.99 -15.30
CA GLU A 222 -8.81 21.85 -16.44
C GLU A 222 -7.45 21.55 -17.05
N GLY A 223 -7.44 21.22 -18.35
CA GLY A 223 -6.21 21.04 -19.10
C GLY A 223 -5.55 19.70 -18.93
N ILE A 224 -6.16 18.78 -18.18
CA ILE A 224 -5.58 17.45 -17.99
C ILE A 224 -5.71 16.65 -19.28
N GLY A 225 -6.85 16.76 -19.95
CA GLY A 225 -6.99 16.25 -21.30
C GLY A 225 -8.03 15.16 -21.41
N ASN A 226 -8.17 14.69 -22.65
CA ASN A 226 -9.11 13.66 -23.05
C ASN A 226 -8.33 12.43 -23.51
N MET A 227 -9.03 11.30 -23.53
CA MET A 227 -8.43 10.02 -23.85
C MET A 227 -9.36 9.21 -24.75
N GLU A 228 -8.79 8.50 -25.72
CA GLU A 228 -9.56 7.53 -26.47
C GLU A 228 -9.47 6.18 -25.76
N ILE A 229 -10.61 5.55 -25.53
CA ILE A 229 -10.65 4.26 -24.84
C ILE A 229 -11.43 3.26 -25.67
N ARG A 230 -11.14 1.98 -25.45
CA ARG A 230 -11.76 0.88 -26.16
C ARG A 230 -12.40 -0.08 -25.17
N GLY A 231 -13.51 -0.68 -25.58
CA GLY A 231 -14.16 -1.67 -24.76
C GLY A 231 -15.32 -2.29 -25.50
N ARG A 232 -16.13 -3.03 -24.77
CA ARG A 232 -17.21 -3.82 -25.38
C ARG A 232 -18.50 -3.00 -25.38
N ASP A 233 -19.02 -2.73 -26.57
CA ASP A 233 -20.40 -2.25 -26.72
C ASP A 233 -21.36 -3.28 -26.12
N LEU A 234 -22.09 -2.89 -25.08
CA LEU A 234 -22.95 -3.85 -24.39
C LEU A 234 -24.20 -4.23 -25.20
N LEU A 235 -24.58 -3.42 -26.18
CA LEU A 235 -25.73 -3.77 -27.03
C LEU A 235 -25.35 -4.82 -28.06
N THR A 236 -24.25 -4.59 -28.78
CA THR A 236 -23.82 -5.46 -29.87
C THR A 236 -22.82 -6.53 -29.45
N GLY A 237 -22.15 -6.35 -28.31
CA GLY A 237 -21.08 -7.23 -27.90
C GLY A 237 -19.78 -7.05 -28.67
N LEU A 238 -19.70 -6.08 -29.57
CA LEU A 238 -18.48 -5.87 -30.34
C LEU A 238 -17.67 -4.71 -29.78
N PRO A 239 -16.36 -4.66 -30.06
CA PRO A 239 -15.53 -3.58 -29.51
C PRO A 239 -15.85 -2.25 -30.18
N LYS A 240 -15.59 -1.18 -29.43
CA LYS A 240 -15.97 0.16 -29.82
C LYS A 240 -14.98 1.14 -29.18
N THR A 241 -14.71 2.25 -29.86
CA THR A 241 -13.82 3.29 -29.34
C THR A 241 -14.63 4.55 -29.03
N ILE A 242 -14.39 5.16 -27.86
CA ILE A 242 -14.97 6.46 -27.54
C ILE A 242 -13.90 7.35 -26.96
N GLU A 243 -14.21 8.64 -26.90
CA GLU A 243 -13.36 9.64 -26.28
C GLU A 243 -13.98 10.03 -24.94
N ILE A 244 -13.19 10.00 -23.88
CA ILE A 244 -13.60 10.42 -22.54
C ILE A 244 -12.76 11.58 -22.06
N SER A 245 -13.34 12.42 -21.20
CA SER A 245 -12.71 13.66 -20.77
C SER A 245 -12.28 13.55 -19.32
N ALA A 246 -11.27 14.36 -18.95
CA ALA A 246 -10.87 14.45 -17.54
C ALA A 246 -12.01 14.94 -16.69
N GLU A 247 -12.88 15.79 -17.23
CA GLU A 247 -14.03 16.27 -16.48
C GLU A 247 -14.97 15.14 -16.10
N GLU A 248 -15.21 14.22 -17.05
CA GLU A 248 -16.06 13.07 -16.76
C GLU A 248 -15.42 12.17 -15.74
N VAL A 249 -14.11 11.95 -15.86
CA VAL A 249 -13.42 11.07 -14.92
C VAL A 249 -13.45 11.67 -13.52
N ALA A 250 -13.26 12.99 -13.42
CA ALA A 250 -13.34 13.63 -12.11
C ALA A 250 -14.72 13.42 -11.50
N GLU A 251 -15.78 13.53 -12.32
CA GLU A 251 -17.12 13.32 -11.81
C GLU A 251 -17.33 11.85 -11.42
N ALA A 252 -16.77 10.93 -12.21
CA ALA A 252 -16.82 9.51 -11.86
C ALA A 252 -16.16 9.23 -10.52
N LEU A 253 -15.07 9.92 -10.20
CA LEU A 253 -14.31 9.64 -8.99
C LEU A 253 -14.83 10.39 -7.75
N ARG A 254 -15.88 11.20 -7.90
CA ARG A 254 -16.28 12.11 -6.83
C ARG A 254 -16.61 11.37 -5.53
N ASP A 255 -17.50 10.37 -5.60
CA ASP A 255 -17.89 9.67 -4.38
C ASP A 255 -16.70 9.00 -3.70
N THR A 256 -15.79 8.42 -4.48
CA THR A 256 -14.59 7.82 -3.90
C THR A 256 -13.75 8.87 -3.18
N VAL A 257 -13.51 10.00 -3.85
CA VAL A 257 -12.69 11.07 -3.28
C VAL A 257 -13.32 11.58 -1.99
N TYR A 258 -14.63 11.74 -1.97
CA TYR A 258 -15.19 12.34 -0.76
C TYR A 258 -15.34 11.33 0.38
N ALA A 259 -15.42 10.04 0.07
CA ALA A 259 -15.26 9.03 1.11
C ALA A 259 -13.88 9.13 1.77
N ILE A 260 -12.84 9.37 0.96
CA ILE A 260 -11.50 9.54 1.52
C ILE A 260 -11.45 10.82 2.36
N VAL A 261 -12.03 11.91 1.85
CA VAL A 261 -12.09 13.13 2.64
C VAL A 261 -12.84 12.89 3.95
N GLU A 262 -13.94 12.14 3.90
CA GLU A 262 -14.71 11.88 5.12
C GLU A 262 -13.89 11.11 6.16
N SER A 263 -13.09 10.14 5.73
CA SER A 263 -12.25 9.43 6.68
C SER A 263 -11.20 10.33 7.31
N VAL A 264 -10.67 11.30 6.57
CA VAL A 264 -9.74 12.26 7.16
C VAL A 264 -10.45 13.09 8.22
N LYS A 265 -11.64 13.62 7.88
CA LYS A 265 -12.41 14.42 8.83
C LYS A 265 -12.79 13.60 10.06
N ASN A 266 -13.26 12.37 9.85
CA ASN A 266 -13.67 11.53 10.97
C ASN A 266 -12.51 11.27 11.92
N THR A 267 -11.31 11.08 11.38
CA THR A 267 -10.15 10.92 12.26
C THR A 267 -9.85 12.20 13.02
N LEU A 268 -9.90 13.35 12.35
CA LEU A 268 -9.68 14.63 13.03
C LEU A 268 -10.69 14.84 14.15
N GLU A 269 -11.96 14.48 13.91
CA GLU A 269 -12.99 14.63 14.94
C GLU A 269 -12.75 13.78 16.18
N LYS A 270 -12.05 12.66 16.06
CA LYS A 270 -11.76 11.81 17.21
C LYS A 270 -10.42 12.15 17.87
N THR A 271 -9.74 13.18 17.39
CA THR A 271 -8.37 13.49 17.72
C THR A 271 -8.34 14.49 18.88
N PRO A 272 -7.48 14.33 19.88
CA PRO A 272 -7.37 15.35 20.96
C PRO A 272 -7.10 16.73 20.41
N PRO A 273 -7.72 17.76 20.98
CA PRO A 273 -7.62 19.10 20.37
C PRO A 273 -6.21 19.58 20.15
N GLU A 274 -5.28 19.32 21.07
CA GLU A 274 -3.93 19.83 20.87
C GLU A 274 -3.21 19.12 19.74
N LEU A 275 -3.44 17.82 19.57
CA LEU A 275 -2.85 17.12 18.43
C LEU A 275 -3.46 17.59 17.12
N ALA A 276 -4.79 17.73 17.06
CA ALA A 276 -5.41 18.27 15.85
C ALA A 276 -4.88 19.69 15.57
N ALA A 277 -4.67 20.48 16.62
CA ALA A 277 -4.05 21.79 16.44
C ALA A 277 -2.66 21.68 15.83
N ASP A 278 -1.85 20.72 16.26
CA ASP A 278 -0.51 20.55 15.70
C ASP A 278 -0.57 20.19 14.22
N ILE A 279 -1.54 19.37 13.85
CA ILE A 279 -1.63 18.94 12.46
C ILE A 279 -2.05 20.10 11.57
N MET A 280 -3.03 20.90 12.03
CA MET A 280 -3.43 22.10 11.29
C MET A 280 -2.23 22.98 11.01
N ASP A 281 -1.25 22.96 11.90
CA ASP A 281 -0.06 23.79 11.75
C ASP A 281 0.94 23.18 10.77
N ARG A 282 1.18 21.86 10.86
CA ARG A 282 2.23 21.23 10.06
C ARG A 282 1.72 20.58 8.78
N GLY A 283 0.45 20.20 8.71
CA GLY A 283 -0.08 19.66 7.48
C GLY A 283 -0.22 18.14 7.52
N ILE A 284 -1.09 17.65 6.66
CA ILE A 284 -1.34 16.23 6.47
C ILE A 284 -0.46 15.76 5.32
N VAL A 285 0.11 14.56 5.44
CA VAL A 285 0.98 14.00 4.41
C VAL A 285 0.30 12.81 3.76
N LEU A 286 0.26 12.79 2.43
CA LEU A 286 -0.35 11.70 1.67
C LEU A 286 0.75 10.74 1.21
N THR A 287 0.53 9.44 1.39
CA THR A 287 1.44 8.42 0.86
C THR A 287 0.66 7.36 0.08
N GLY A 288 1.40 6.46 -0.55
CA GLY A 288 0.79 5.39 -1.32
C GLY A 288 0.54 5.79 -2.77
N GLY A 289 0.20 4.78 -3.58
CA GLY A 289 -0.05 5.05 -4.99
C GLY A 289 -1.24 5.95 -5.21
N GLY A 290 -2.26 5.83 -4.35
CA GLY A 290 -3.44 6.67 -4.47
C GLY A 290 -3.19 8.12 -4.15
N ALA A 291 -2.09 8.43 -3.47
CA ALA A 291 -1.75 9.83 -3.24
C ALA A 291 -1.42 10.58 -4.53
N LEU A 292 -1.12 9.86 -5.60
CA LEU A 292 -0.75 10.50 -6.86
C LEU A 292 -1.95 10.99 -7.66
N LEU A 293 -3.17 10.63 -7.27
CA LEU A 293 -4.34 11.12 -7.98
C LEU A 293 -4.26 12.64 -8.09
N ARG A 294 -4.29 13.14 -9.32
CA ARG A 294 -4.13 14.59 -9.54
C ARG A 294 -5.09 15.39 -8.69
N ASN A 295 -4.53 16.36 -7.95
CA ASN A 295 -5.27 17.34 -7.14
C ASN A 295 -5.93 16.77 -5.90
N LEU A 296 -5.68 15.50 -5.55
CA LEU A 296 -6.28 14.98 -4.32
C LEU A 296 -5.81 15.78 -3.11
N ASP A 297 -4.53 16.17 -3.10
CA ASP A 297 -4.03 16.97 -1.99
C ASP A 297 -4.80 18.29 -1.85
N LYS A 298 -5.06 18.94 -2.99
CA LYS A 298 -5.79 20.20 -3.00
C LYS A 298 -7.22 20.01 -2.51
N VAL A 299 -7.86 18.91 -2.90
CA VAL A 299 -9.24 18.67 -2.49
C VAL A 299 -9.34 18.39 -1.01
N ILE A 300 -8.49 17.50 -0.49
CA ILE A 300 -8.49 17.24 0.95
C ILE A 300 -8.14 18.52 1.71
N SER A 301 -7.19 19.30 1.17
CA SER A 301 -6.84 20.55 1.85
C SER A 301 -8.04 21.48 1.90
N GLN A 302 -8.72 21.64 0.75
CA GLN A 302 -9.87 22.53 0.66
C GLN A 302 -10.99 22.09 1.59
N GLU A 303 -11.22 20.78 1.72
CA GLU A 303 -12.35 20.32 2.51
C GLU A 303 -12.07 20.29 4.01
N THR A 304 -10.81 20.31 4.42
CA THR A 304 -10.44 20.27 5.83
C THR A 304 -9.85 21.58 6.34
N ASP A 305 -9.58 22.55 5.46
CA ASP A 305 -8.87 23.78 5.82
C ASP A 305 -7.53 23.49 6.49
N MET A 306 -6.86 22.42 6.05
CA MET A 306 -5.58 22.01 6.56
C MET A 306 -4.58 21.92 5.42
N PRO A 307 -3.31 22.22 5.66
CA PRO A 307 -2.30 21.96 4.65
C PRO A 307 -2.21 20.46 4.36
N VAL A 308 -2.05 20.14 3.09
CA VAL A 308 -1.91 18.74 2.67
C VAL A 308 -0.78 18.68 1.65
N ILE A 309 0.18 17.79 1.88
CA ILE A 309 1.23 17.59 0.89
C ILE A 309 1.37 16.11 0.57
N VAL A 310 1.79 15.83 -0.64
CA VAL A 310 2.15 14.47 -1.01
C VAL A 310 3.57 14.22 -0.55
N ALA A 311 3.78 13.08 0.10
CA ALA A 311 5.10 12.75 0.62
C ALA A 311 6.11 12.68 -0.51
N GLU A 312 7.35 13.03 -0.17
CA GLU A 312 8.48 12.63 -1.01
C GLU A 312 8.50 11.11 -1.11
N ASN A 313 8.76 10.60 -2.30
CA ASN A 313 8.84 9.16 -2.47
C ASN A 313 7.59 8.42 -1.99
N PRO A 314 6.39 8.76 -2.47
CA PRO A 314 5.18 8.21 -1.85
C PRO A 314 5.02 6.70 -2.01
N LEU A 315 5.62 6.11 -3.06
CA LEU A 315 5.48 4.67 -3.24
C LEU A 315 6.41 3.87 -2.35
N ASP A 316 7.51 4.46 -1.90
CA ASP A 316 8.53 3.79 -1.11
C ASP A 316 8.42 4.08 0.39
N CYS A 317 7.58 5.03 0.81
CA CYS A 317 7.55 5.46 2.23
C CYS A 317 7.34 4.29 3.19
N VAL A 318 6.38 3.41 2.90
CA VAL A 318 6.09 2.34 3.83
C VAL A 318 7.30 1.42 4.01
N ALA A 319 7.93 1.03 2.90
CA ALA A 319 9.10 0.15 2.99
C ALA A 319 10.26 0.83 3.71
N ILE A 320 10.52 2.10 3.39
CA ILE A 320 11.57 2.83 4.10
C ILE A 320 11.26 2.89 5.61
N GLY A 321 10.01 3.19 5.95
CA GLY A 321 9.66 3.25 7.37
C GLY A 321 9.76 1.90 8.06
N THR A 322 9.49 0.82 7.31
CA THR A 322 9.69 -0.52 7.86
C THR A 322 11.17 -0.79 8.14
N GLY A 323 12.05 -0.28 7.29
CA GLY A 323 13.48 -0.38 7.55
C GLY A 323 13.99 0.52 8.66
N LYS A 324 13.48 1.75 8.71
CA LYS A 324 13.86 2.68 9.77
C LYS A 324 13.38 2.19 11.14
N ALA A 325 12.26 1.46 11.18
CA ALA A 325 11.79 0.91 12.43
C ALA A 325 12.80 -0.06 13.04
N LEU A 326 13.75 -0.55 12.24
CA LEU A 326 14.81 -1.41 12.76
C LEU A 326 15.73 -0.68 13.74
N ASP A 327 15.82 0.65 13.64
CA ASP A 327 16.55 1.39 14.68
C ASP A 327 15.74 1.55 15.96
N HIS A 328 14.52 1.01 16.01
CA HIS A 328 13.64 1.14 17.17
C HIS A 328 13.05 -0.20 17.55
N ILE A 329 13.83 -1.28 17.45
CA ILE A 329 13.24 -2.60 17.59
C ILE A 329 12.62 -2.78 18.97
N ASP A 330 13.14 -2.07 20.00
CA ASP A 330 12.62 -2.24 21.35
C ASP A 330 11.12 -1.92 21.42
N LEU A 331 10.70 -0.81 20.81
CA LEU A 331 9.27 -0.48 20.70
C LEU A 331 8.45 -1.63 20.13
N PHE A 332 8.87 -2.17 19.00
CA PHE A 332 8.05 -3.18 18.36
C PHE A 332 8.15 -4.52 19.06
N LYS A 333 9.30 -4.81 19.67
CA LYS A 333 9.41 -5.94 20.60
C LYS A 333 8.32 -5.84 21.67
N ASN A 334 8.23 -4.67 22.32
CA ASN A 334 7.24 -4.49 23.39
C ASN A 334 5.81 -4.58 22.85
N LYS A 335 5.58 -4.03 21.64
CA LYS A 335 4.26 -4.14 21.02
C LYS A 335 3.84 -5.59 20.85
N ALA A 336 4.77 -6.45 20.39
CA ALA A 336 4.43 -7.86 20.17
C ALA A 336 4.10 -8.56 21.47
N ARG A 337 4.81 -8.24 22.55
CA ARG A 337 4.54 -8.89 23.83
C ARG A 337 3.17 -8.45 24.38
N ASP A 338 2.68 -7.27 23.98
CA ASP A 338 1.31 -6.86 24.28
C ASP A 338 0.27 -7.77 23.63
N HIS A 339 0.56 -8.31 22.45
CA HIS A 339 -0.42 -9.06 21.66
C HIS A 339 -0.23 -10.58 21.78
N ARG A 340 0.35 -11.04 22.88
CA ARG A 340 0.54 -12.48 23.09
C ARG A 340 -0.78 -13.14 23.53
OH2 1PE B . -3.07 25.06 3.12
C12 1PE B . -3.82 25.52 4.22
C22 1PE B . -5.23 25.08 4.13
OH3 1PE B . -5.74 25.37 2.84
C13 1PE B . -7.71 24.96 1.59
C23 1PE B . -7.14 25.55 2.82
OH4 1PE B . -7.43 25.79 0.47
C14 1PE B . -6.93 24.95 -1.71
C24 1PE B . -6.42 25.25 -0.35
OH5 1PE B . -6.02 24.13 -2.44
C15 1PE B . -4.20 22.90 -1.55
C25 1PE B . -4.66 24.24 -2.05
OH6 1PE B . -2.80 22.78 -1.56
C16 1PE B . -2.24 22.25 0.69
C26 1PE B . -2.35 21.73 -0.72
OH7 1PE B . -0.99 22.86 0.93
#